data_3QNI
#
_entry.id   3QNI
#
_cell.length_a   147.899
_cell.length_b   83.739
_cell.length_c   86.511
_cell.angle_alpha   90.00
_cell.angle_beta   114.40
_cell.angle_gamma   90.00
#
_symmetry.space_group_name_H-M   'C 1 2 1'
#
loop_
_entity.id
_entity.type
_entity.pdbx_description
1 polymer 'Protein kinase C and casein kinase substrate in neurons protein 1'
2 non-polymer 'CALCIUM ION'
3 water water
#
_entity_poly.entity_id   1
_entity_poly.type   'polypeptide(L)'
_entity_poly.pdbx_seq_one_letter_code
;MSSSYDEASLAPEETTDSFWEVGNYKRTVKRIDDGHRLCNDLMNCVQERAKIEKAYGQQLTDWAKRWRQLIEKGPQYGSL
ERAWGAIMTEADKVSELHQEVKNNLLNEDLEKVKNWQKDAYHKQIMGGFKETKEAEDGFRKAQKPWAKKMKELEAAKKAY
HLACKEEKLAMTREMNSKTEQSVTPEQQKKLQDKVDKCKQDVQKTQEKYEKVLEDVGKTTPQYMENMEQVFEQCQQFEEK
RLVFLKEVLLDIKRHLNLAENSSYIHVYRELEQAIRGADAQEDLRWFRSTSGPGMPMNWPQFEEWNP
;
_entity_poly.pdbx_strand_id   A,B
#
# COMPACT_ATOMS: atom_id res chain seq x y z
N THR A 15 26.98 20.50 40.64
CA THR A 15 27.67 19.21 40.30
C THR A 15 28.28 19.27 38.88
N THR A 16 29.09 18.28 38.51
CA THR A 16 30.10 18.50 37.45
C THR A 16 29.70 18.32 36.00
N ASP A 17 28.53 17.75 35.73
CA ASP A 17 28.07 17.73 34.34
C ASP A 17 27.10 18.87 34.09
N SER A 18 27.22 19.93 34.86
CA SER A 18 26.35 21.08 34.72
C SER A 18 26.79 21.97 33.57
N PHE A 19 25.82 22.63 32.98
CA PHE A 19 26.07 23.56 31.92
C PHE A 19 27.08 24.61 32.38
N TRP A 20 26.99 24.94 33.65
CA TRP A 20 27.75 26.03 34.19
C TRP A 20 29.22 25.76 34.36
N GLU A 21 29.59 24.49 34.51
CA GLU A 21 31.01 24.08 34.54
C GLU A 21 31.72 24.47 33.26
N VAL A 22 33.02 24.66 33.33
CA VAL A 22 33.78 24.96 32.11
C VAL A 22 33.56 23.86 31.04
N GLY A 23 33.40 24.30 29.79
CA GLY A 23 33.37 23.37 28.68
C GLY A 23 32.01 22.83 28.34
N ASN A 24 31.16 22.62 29.34
CA ASN A 24 29.88 21.93 29.12
C ASN A 24 28.89 22.67 28.24
N TYR A 25 29.25 23.84 27.75
CA TYR A 25 28.39 24.46 26.76
C TYR A 25 28.42 23.62 25.46
N LYS A 26 29.41 22.72 25.35
CA LYS A 26 29.54 21.81 24.21
C LYS A 26 28.20 21.32 23.70
N ARG A 27 27.37 20.82 24.60
CA ARG A 27 26.14 20.15 24.22
C ARG A 27 25.20 21.07 23.50
N THR A 28 25.19 22.35 23.86
CA THR A 28 24.39 23.30 23.14
C THR A 28 24.96 23.56 21.76
N VAL A 29 26.27 23.49 21.65
CA VAL A 29 26.92 23.66 20.36
C VAL A 29 26.68 22.44 19.48
N LYS A 30 26.61 21.28 20.09
CA LYS A 30 26.44 20.08 19.30
C LYS A 30 25.00 19.91 18.77
N ARG A 31 24.03 20.38 19.55
CA ARG A 31 22.62 20.38 19.13
C ARG A 31 22.50 21.08 17.77
N ILE A 32 23.38 22.04 17.54
CA ILE A 32 23.38 22.76 16.28
C ILE A 32 23.67 21.84 15.14
N ASP A 33 24.80 21.11 15.19
CA ASP A 33 25.08 20.07 14.19
C ASP A 33 23.94 19.03 14.12
N ASP A 34 23.62 18.40 15.24
CA ASP A 34 22.54 17.47 15.24
C ASP A 34 21.40 17.96 14.31
N GLY A 35 20.95 19.21 14.50
CA GLY A 35 19.96 19.84 13.67
C GLY A 35 20.19 19.57 12.19
N HIS A 36 21.40 19.77 11.69
CA HIS A 36 21.66 19.43 10.29
C HIS A 36 21.39 17.96 10.04
N ARG A 37 21.99 17.05 10.79
CA ARG A 37 21.79 15.64 10.47
C ARG A 37 20.31 15.22 10.61
N LEU A 38 19.60 15.85 11.52
CA LEU A 38 18.19 15.50 11.68
C LEU A 38 17.37 15.78 10.43
N CYS A 39 17.72 16.83 9.69
CA CYS A 39 17.13 17.10 8.40
C CYS A 39 17.46 15.92 7.53
N ASN A 40 18.71 15.55 7.46
CA ASN A 40 19.04 14.41 6.64
C ASN A 40 18.28 13.16 7.04
N ASP A 41 18.16 12.89 8.33
CA ASP A 41 17.39 11.72 8.75
C ASP A 41 15.94 11.79 8.23
N LEU A 42 15.28 12.94 8.43
CA LEU A 42 13.93 13.10 8.01
C LEU A 42 13.80 12.86 6.53
N MET A 43 14.76 13.34 5.74
CA MET A 43 14.68 13.17 4.31
C MET A 43 14.81 11.71 3.93
N ASN A 44 15.55 10.95 4.69
CA ASN A 44 15.71 9.56 4.33
C ASN A 44 14.46 8.77 4.64
N CYS A 45 13.99 8.99 5.85
CA CYS A 45 12.71 8.55 6.28
C CYS A 45 11.62 8.78 5.22
N VAL A 46 11.56 9.99 4.70
CA VAL A 46 10.57 10.28 3.70
C VAL A 46 10.85 9.54 2.38
N GLN A 47 12.07 9.61 1.88
CA GLN A 47 12.41 8.93 0.65
C GLN A 47 12.06 7.44 0.75
N GLU A 48 12.41 6.85 1.88
CA GLU A 48 12.18 5.44 2.12
C GLU A 48 10.74 5.10 2.16
N ARG A 49 9.96 5.95 2.80
CA ARG A 49 8.52 5.76 2.79
C ARG A 49 8.01 5.78 1.33
N ALA A 50 8.59 6.67 0.54
CA ALA A 50 8.04 6.94 -0.76
C ALA A 50 8.28 5.73 -1.66
N LYS A 51 9.50 5.21 -1.65
CA LYS A 51 9.85 3.99 -2.36
C LYS A 51 8.85 2.85 -2.07
N ILE A 52 8.34 2.81 -0.86
CA ILE A 52 7.47 1.77 -0.46
C ILE A 52 6.13 2.05 -1.11
N GLU A 53 5.73 3.30 -1.10
CA GLU A 53 4.47 3.61 -1.73
C GLU A 53 4.56 3.26 -3.22
N LYS A 54 5.67 3.54 -3.86
CA LYS A 54 5.62 3.26 -5.27
C LYS A 54 5.67 1.77 -5.59
N ALA A 55 6.25 0.98 -4.70
CA ALA A 55 6.35 -0.45 -4.97
C ALA A 55 4.96 -1.08 -4.99
N TYR A 56 4.10 -0.63 -4.08
CA TYR A 56 2.73 -1.03 -4.03
C TYR A 56 2.00 -0.54 -5.31
N GLY A 57 2.18 0.73 -5.66
CA GLY A 57 1.69 1.20 -6.95
C GLY A 57 2.03 0.25 -8.12
N GLN A 58 3.31 -0.07 -8.31
CA GLN A 58 3.69 -0.89 -9.43
C GLN A 58 3.04 -2.26 -9.36
N GLN A 59 2.88 -2.76 -8.14
CA GLN A 59 2.42 -4.11 -8.04
C GLN A 59 0.97 -4.14 -8.42
N LEU A 60 0.22 -3.13 -8.02
CA LEU A 60 -1.16 -3.09 -8.33
C LEU A 60 -1.32 -2.94 -9.80
N THR A 61 -0.53 -2.05 -10.38
CA THR A 61 -0.59 -1.78 -11.79
C THR A 61 -0.31 -3.04 -12.55
N ASP A 62 0.69 -3.79 -12.10
CA ASP A 62 1.05 -5.03 -12.75
C ASP A 62 -0.11 -6.03 -12.76
N TRP A 63 -0.71 -6.22 -11.60
CA TRP A 63 -1.78 -7.18 -11.44
C TRP A 63 -2.98 -6.77 -12.23
N ALA A 64 -3.29 -5.48 -12.23
CA ALA A 64 -4.39 -5.01 -13.02
C ALA A 64 -4.12 -5.30 -14.48
N LYS A 65 -2.90 -5.08 -14.95
CA LYS A 65 -2.62 -5.34 -16.36
C LYS A 65 -2.82 -6.84 -16.63
N ARG A 66 -2.21 -7.69 -15.80
CA ARG A 66 -2.34 -9.16 -15.86
C ARG A 66 -3.79 -9.65 -15.96
N TRP A 67 -4.60 -9.20 -15.02
CA TRP A 67 -5.91 -9.75 -14.94
C TRP A 67 -6.85 -9.18 -15.97
N ARG A 68 -6.58 -7.95 -16.41
CA ARG A 68 -7.34 -7.36 -17.50
C ARG A 68 -7.19 -8.24 -18.72
N GLN A 69 -5.97 -8.65 -19.06
CA GLN A 69 -5.75 -9.52 -20.20
C GLN A 69 -6.33 -10.92 -19.96
N LEU A 70 -5.98 -11.57 -18.85
CA LEU A 70 -6.50 -12.91 -18.57
C LEU A 70 -8.04 -12.99 -18.69
N ILE A 71 -8.74 -11.96 -18.19
CA ILE A 71 -10.20 -11.91 -18.22
C ILE A 71 -10.71 -11.69 -19.62
N GLU A 72 -10.02 -10.87 -20.39
CA GLU A 72 -10.37 -10.61 -21.77
C GLU A 72 -10.19 -11.85 -22.64
N LYS A 73 -9.01 -12.42 -22.58
CA LYS A 73 -8.67 -13.59 -23.36
C LYS A 73 -9.34 -14.82 -22.77
N GLY A 74 -9.93 -14.67 -21.59
CA GLY A 74 -10.57 -15.80 -20.95
C GLY A 74 -11.92 -15.93 -21.56
N PRO A 75 -12.67 -16.97 -21.18
CA PRO A 75 -14.03 -17.21 -21.60
C PRO A 75 -15.17 -16.54 -20.82
N GLN A 76 -14.90 -15.62 -19.91
CA GLN A 76 -16.01 -14.93 -19.22
C GLN A 76 -16.50 -13.71 -20.05
N TYR A 77 -17.80 -13.62 -20.25
CA TYR A 77 -18.42 -12.67 -21.19
C TYR A 77 -19.46 -11.82 -20.44
N GLY A 78 -20.07 -10.84 -21.10
CA GLY A 78 -21.26 -10.16 -20.58
C GLY A 78 -21.00 -9.24 -19.42
N SER A 79 -22.03 -8.91 -18.64
CA SER A 79 -21.87 -8.05 -17.44
C SER A 79 -20.76 -8.59 -16.52
N LEU A 80 -20.84 -9.87 -16.21
CA LEU A 80 -19.94 -10.36 -15.24
C LEU A 80 -18.51 -10.31 -15.69
N GLU A 81 -18.27 -10.20 -17.01
CA GLU A 81 -16.93 -9.89 -17.42
C GLU A 81 -16.61 -8.50 -16.96
N ARG A 82 -17.49 -7.55 -17.30
CA ARG A 82 -17.30 -6.15 -16.94
C ARG A 82 -17.18 -5.96 -15.41
N ALA A 83 -17.99 -6.66 -14.62
CA ALA A 83 -18.01 -6.43 -13.18
C ALA A 83 -16.72 -6.92 -12.59
N TRP A 84 -16.33 -8.11 -12.96
CA TRP A 84 -15.03 -8.61 -12.63
C TRP A 84 -13.92 -7.64 -13.03
N GLY A 85 -13.87 -7.28 -14.31
CA GLY A 85 -12.82 -6.42 -14.81
C GLY A 85 -12.76 -5.10 -14.09
N ALA A 86 -13.91 -4.69 -13.57
CA ALA A 86 -14.00 -3.46 -12.83
C ALA A 86 -13.05 -3.45 -11.65
N ILE A 87 -12.81 -4.60 -11.02
CA ILE A 87 -11.89 -4.67 -9.89
C ILE A 87 -10.47 -4.28 -10.31
N MET A 88 -10.07 -4.68 -11.51
CA MET A 88 -8.80 -4.19 -12.07
C MET A 88 -8.80 -2.66 -12.06
N THR A 89 -9.83 -2.05 -12.61
CA THR A 89 -9.94 -0.62 -12.49
C THR A 89 -9.68 -0.11 -11.06
N GLU A 90 -10.24 -0.72 -9.99
CA GLU A 90 -9.93 -0.11 -8.67
C GLU A 90 -8.46 -0.14 -8.41
N ALA A 91 -7.87 -1.32 -8.54
CA ALA A 91 -6.47 -1.48 -8.48
C ALA A 91 -5.71 -0.39 -9.24
N ASP A 92 -6.19 0.08 -10.39
CA ASP A 92 -5.40 1.09 -11.10
C ASP A 92 -5.42 2.42 -10.41
N LYS A 93 -6.60 2.77 -9.91
CA LYS A 93 -6.81 4.01 -9.22
C LYS A 93 -6.18 4.02 -7.83
N VAL A 94 -6.27 2.91 -7.11
CA VAL A 94 -5.56 2.86 -5.85
C VAL A 94 -4.08 3.05 -6.11
N SER A 95 -3.60 2.50 -7.22
CA SER A 95 -2.20 2.60 -7.52
C SER A 95 -1.97 4.07 -7.82
N GLU A 96 -2.87 4.67 -8.58
CA GLU A 96 -2.71 6.11 -8.90
C GLU A 96 -2.53 6.93 -7.61
N LEU A 97 -3.36 6.63 -6.64
CA LEU A 97 -3.29 7.31 -5.36
C LEU A 97 -1.97 7.10 -4.63
N HIS A 98 -1.51 5.88 -4.51
CA HIS A 98 -0.24 5.72 -3.89
C HIS A 98 0.86 6.31 -4.71
N GLN A 99 0.76 6.29 -6.04
CA GLN A 99 1.74 7.08 -6.79
C GLN A 99 1.72 8.58 -6.47
N GLU A 100 0.55 9.13 -6.16
CA GLU A 100 0.47 10.54 -5.71
C GLU A 100 1.13 10.78 -4.35
N VAL A 101 0.89 9.87 -3.40
CA VAL A 101 1.53 9.95 -2.13
C VAL A 101 3.00 10.06 -2.39
N LYS A 102 3.56 9.07 -3.07
CA LYS A 102 4.99 9.09 -3.37
C LYS A 102 5.39 10.43 -3.90
N ASN A 103 4.63 10.93 -4.84
CA ASN A 103 4.92 12.22 -5.39
C ASN A 103 4.96 13.38 -4.45
N ASN A 104 4.01 13.45 -3.56
CA ASN A 104 4.03 14.51 -2.59
C ASN A 104 5.20 14.39 -1.62
N LEU A 105 5.34 13.22 -1.01
CA LEU A 105 6.56 12.91 -0.27
C LEU A 105 7.81 13.43 -0.99
N LEU A 106 8.08 12.95 -2.20
CA LEU A 106 9.33 13.27 -2.84
C LEU A 106 9.44 14.70 -3.32
N ASN A 107 8.45 15.19 -4.05
CA ASN A 107 8.65 16.47 -4.71
C ASN A 107 8.18 17.67 -3.92
N GLU A 108 7.50 17.45 -2.81
CA GLU A 108 7.11 18.56 -1.93
C GLU A 108 7.73 18.49 -0.53
N ASP A 109 7.66 17.35 0.14
CA ASP A 109 8.14 17.30 1.50
C ASP A 109 9.64 17.14 1.58
N LEU A 110 10.19 16.13 0.92
CA LEU A 110 11.63 16.02 0.87
C LEU A 110 12.25 17.29 0.32
N GLU A 111 11.53 17.99 -0.55
CA GLU A 111 12.14 19.20 -1.13
C GLU A 111 12.08 20.34 -0.16
N LYS A 112 10.97 20.42 0.56
CA LYS A 112 10.76 21.46 1.54
C LYS A 112 11.87 21.46 2.56
N VAL A 113 12.15 20.30 3.15
CA VAL A 113 13.20 20.26 4.17
C VAL A 113 14.53 20.53 3.51
N LYS A 114 14.81 19.85 2.41
CA LYS A 114 16.07 20.08 1.76
C LYS A 114 16.33 21.55 1.52
N ASN A 115 15.33 22.31 1.08
CA ASN A 115 15.57 23.73 0.87
C ASN A 115 15.77 24.55 2.13
N TRP A 116 15.03 24.23 3.18
CA TRP A 116 15.19 24.82 4.49
C TRP A 116 16.58 24.57 5.04
N GLN A 117 16.99 23.30 5.03
CA GLN A 117 18.32 22.91 5.45
C GLN A 117 19.34 23.75 4.71
N LYS A 118 19.06 23.99 3.44
CA LYS A 118 19.98 24.72 2.59
C LYS A 118 20.05 26.18 3.02
N ASP A 119 18.93 26.78 3.45
CA ASP A 119 18.99 28.17 3.85
C ASP A 119 19.50 28.32 5.27
N ALA A 120 19.45 27.25 6.06
CA ALA A 120 19.80 27.33 7.48
C ALA A 120 21.27 27.10 7.82
N TYR A 121 21.86 26.04 7.27
CA TYR A 121 23.24 25.74 7.62
C TYR A 121 24.10 26.12 6.46
N HIS A 122 25.31 26.60 6.71
CA HIS A 122 26.17 27.02 5.63
C HIS A 122 27.53 26.44 5.80
N LYS A 123 27.82 25.33 5.13
CA LYS A 123 29.16 24.72 5.17
C LYS A 123 30.21 25.76 4.86
N GLN A 124 31.30 25.71 5.60
CA GLN A 124 32.46 26.56 5.38
C GLN A 124 33.52 25.79 4.64
N ILE A 125 34.35 26.47 3.90
CA ILE A 125 35.26 25.83 3.00
C ILE A 125 36.13 24.87 3.70
N MET A 126 36.54 25.20 4.89
CA MET A 126 37.37 24.26 5.57
C MET A 126 36.75 23.89 6.88
N GLY A 127 35.66 23.14 6.76
CA GLY A 127 34.94 22.52 7.84
C GLY A 127 33.93 23.29 8.63
N GLY A 128 32.91 22.59 9.06
CA GLY A 128 31.91 23.11 9.97
C GLY A 128 30.93 24.05 9.37
N PHE A 129 29.83 24.24 10.04
CA PHE A 129 28.85 25.24 9.67
C PHE A 129 29.11 26.60 10.32
N LYS A 130 29.02 27.66 9.51
CA LYS A 130 29.06 29.04 9.98
C LYS A 130 28.33 29.14 11.34
N GLU A 131 27.20 28.49 11.44
CA GLU A 131 26.35 28.73 12.58
C GLU A 131 26.79 27.94 13.81
N THR A 132 27.55 26.88 13.61
CA THR A 132 28.05 26.14 14.76
C THR A 132 29.15 26.99 15.36
N LYS A 133 30.05 27.48 14.50
CA LYS A 133 31.15 28.32 14.97
C LYS A 133 30.74 29.62 15.67
N GLU A 134 29.72 30.29 15.15
CA GLU A 134 29.09 31.40 15.87
C GLU A 134 28.98 31.11 17.35
N ALA A 135 28.30 30.00 17.67
CA ALA A 135 28.04 29.67 19.05
C ALA A 135 29.29 29.16 19.80
N GLU A 136 30.14 28.37 19.13
CA GLU A 136 31.41 27.98 19.73
C GLU A 136 32.15 29.23 20.18
N ASP A 137 32.20 30.23 19.32
CA ASP A 137 32.86 31.46 19.64
C ASP A 137 32.17 32.25 20.73
N GLY A 138 30.87 32.47 20.60
CA GLY A 138 30.10 33.11 21.66
C GLY A 138 30.44 32.55 23.02
N PHE A 139 30.33 31.24 23.16
CA PHE A 139 30.54 30.55 24.44
C PHE A 139 31.99 30.57 24.97
N ARG A 140 32.98 30.41 24.09
CA ARG A 140 34.39 30.56 24.46
C ARG A 140 34.67 31.94 25.05
N LYS A 141 34.33 32.95 24.25
CA LYS A 141 34.56 34.34 24.57
C LYS A 141 33.79 34.73 25.82
N ALA A 142 32.59 34.17 25.99
CA ALA A 142 31.82 34.47 27.19
C ALA A 142 32.38 33.74 28.38
N GLN A 143 33.21 32.73 28.17
CA GLN A 143 33.68 31.92 29.28
C GLN A 143 35.15 32.15 29.62
N LYS A 144 35.86 32.91 28.79
CA LYS A 144 37.31 33.07 28.92
C LYS A 144 37.72 33.73 30.25
N PRO A 145 37.08 34.86 30.60
CA PRO A 145 37.49 35.48 31.85
C PRO A 145 37.38 34.54 33.05
N TRP A 146 36.34 33.71 33.06
CA TRP A 146 36.01 32.80 34.16
C TRP A 146 36.77 31.50 34.09
N ALA A 147 37.32 31.18 32.93
CA ALA A 147 38.21 30.05 32.81
C ALA A 147 39.51 30.34 33.57
N LYS A 148 40.00 31.58 33.45
CA LYS A 148 41.17 32.04 34.19
C LYS A 148 40.91 31.95 35.69
N LYS A 149 39.98 32.79 36.18
CA LYS A 149 39.69 32.87 37.61
C LYS A 149 39.62 31.47 38.19
N MET A 150 39.00 30.57 37.44
CA MET A 150 38.81 29.21 37.87
C MET A 150 40.08 28.37 37.96
N LYS A 151 41.09 28.72 37.16
CA LYS A 151 42.38 28.05 37.27
C LYS A 151 43.18 28.67 38.41
N GLU A 152 43.05 29.98 38.55
CA GLU A 152 43.62 30.73 39.67
C GLU A 152 43.07 30.24 41.00
N LEU A 153 41.75 30.02 41.06
CA LEU A 153 41.13 29.51 42.25
C LEU A 153 41.70 28.15 42.57
N GLU A 154 41.82 27.29 41.57
CA GLU A 154 42.44 25.98 41.73
C GLU A 154 43.85 26.12 42.30
N ALA A 155 44.57 27.15 41.84
CA ALA A 155 45.94 27.41 42.26
C ALA A 155 46.00 27.69 43.76
N ALA A 156 45.16 28.62 44.17
CA ALA A 156 45.08 29.00 45.53
C ALA A 156 44.60 27.88 46.39
N LYS A 157 43.59 27.17 45.95
CA LYS A 157 43.10 26.14 46.80
C LYS A 157 44.21 25.17 47.05
N LYS A 158 44.98 24.85 46.03
CA LYS A 158 46.07 23.91 46.21
C LYS A 158 47.21 24.40 47.10
N ALA A 159 47.66 25.60 46.85
CA ALA A 159 48.79 26.13 47.58
C ALA A 159 48.40 26.21 49.01
N TYR A 160 47.17 26.57 49.21
CA TYR A 160 46.66 26.76 50.57
C TYR A 160 46.83 25.51 51.40
N HIS A 161 46.22 24.42 50.97
CA HIS A 161 46.27 23.16 51.73
C HIS A 161 47.69 22.69 51.98
N LEU A 162 48.59 23.10 51.09
CA LEU A 162 50.05 22.93 51.25
C LEU A 162 50.46 23.41 52.63
N ALA A 163 50.43 24.74 52.83
CA ALA A 163 50.85 25.36 54.10
C ALA A 163 50.07 24.84 55.30
N CYS A 164 48.83 24.39 55.04
CA CYS A 164 47.91 23.88 56.06
C CYS A 164 48.28 22.46 56.50
N LYS A 165 48.45 21.54 55.54
CA LYS A 165 48.86 20.18 55.87
C LYS A 165 50.31 20.17 56.35
N GLU A 166 51.13 21.05 55.77
CA GLU A 166 52.50 21.29 56.22
C GLU A 166 52.51 21.63 57.71
N GLU A 167 51.45 22.30 58.17
CA GLU A 167 51.27 22.67 59.57
C GLU A 167 51.20 21.42 60.45
N LYS A 168 50.34 20.50 60.10
CA LYS A 168 50.07 19.37 60.97
C LYS A 168 50.88 18.11 61.03
N LEU A 169 52.05 18.05 60.43
CA LEU A 169 52.76 16.81 60.58
C LEU A 169 53.67 16.82 61.81
N ALA A 170 53.82 17.98 62.44
CA ALA A 170 54.70 18.16 63.61
C ALA A 170 54.33 17.38 64.86
N MET A 171 53.04 17.33 65.19
CA MET A 171 52.61 16.60 66.37
C MET A 171 51.50 15.62 66.02
N GLN A 192 59.55 31.12 73.06
CA GLN A 192 59.36 30.80 71.65
C GLN A 192 59.37 29.27 71.41
N ASP A 193 58.60 28.91 70.38
CA ASP A 193 58.37 27.56 69.87
C ASP A 193 58.69 27.47 68.37
N LYS A 194 58.91 26.25 67.89
CA LYS A 194 59.28 25.93 66.49
C LYS A 194 58.41 26.20 65.23
N VAL A 195 57.09 26.06 65.40
CA VAL A 195 56.07 26.22 64.36
C VAL A 195 55.60 27.64 64.03
N ASP A 196 56.50 28.60 64.14
CA ASP A 196 56.16 29.99 63.88
C ASP A 196 55.51 30.11 62.49
N LYS A 197 56.25 29.76 61.44
CA LYS A 197 55.74 29.86 60.07
C LYS A 197 54.49 29.06 59.69
N CYS A 198 54.35 27.86 60.24
CA CYS A 198 53.22 26.99 59.91
C CYS A 198 51.87 27.59 60.24
N LYS A 199 51.80 28.55 61.14
CA LYS A 199 50.48 29.15 61.45
C LYS A 199 50.31 30.48 60.69
N GLN A 200 51.35 30.96 60.02
CA GLN A 200 51.31 32.22 59.24
C GLN A 200 51.24 32.15 57.70
N ASP A 201 52.03 31.32 57.07
CA ASP A 201 51.95 31.32 55.64
C ASP A 201 50.53 31.00 55.35
N VAL A 202 49.96 30.16 56.20
CA VAL A 202 48.61 29.77 56.02
C VAL A 202 47.93 31.08 55.89
N GLN A 203 48.30 32.00 56.74
CA GLN A 203 47.70 33.30 56.67
C GLN A 203 48.01 33.89 55.32
N LYS A 204 49.21 33.66 54.80
CA LYS A 204 49.57 34.24 53.52
C LYS A 204 48.73 33.78 52.33
N THR A 205 48.48 32.49 52.20
CA THR A 205 47.67 32.09 51.12
C THR A 205 46.22 32.18 51.51
N GLN A 206 45.86 31.67 52.68
CA GLN A 206 44.43 31.73 52.97
C GLN A 206 43.94 33.10 52.56
N GLU A 207 44.79 34.10 52.77
CA GLU A 207 44.41 35.44 52.39
C GLU A 207 44.10 35.47 50.91
N LYS A 208 44.95 34.84 50.12
CA LYS A 208 44.81 34.84 48.67
C LYS A 208 43.64 33.99 48.15
N TYR A 209 43.53 32.77 48.66
CA TYR A 209 42.37 31.95 48.41
C TYR A 209 41.10 32.77 48.70
N GLU A 210 41.02 33.36 49.89
CA GLU A 210 39.85 34.17 50.29
C GLU A 210 39.58 35.30 49.31
N LYS A 211 40.65 35.99 48.92
CA LYS A 211 40.54 37.09 47.97
C LYS A 211 39.97 36.66 46.62
N VAL A 212 40.53 35.59 46.07
CA VAL A 212 40.12 35.11 44.78
C VAL A 212 38.66 34.71 44.85
N LEU A 213 38.34 33.89 45.84
CA LEU A 213 36.98 33.48 46.11
C LEU A 213 36.03 34.68 46.07
N GLU A 214 36.42 35.80 46.67
CA GLU A 214 35.64 37.04 46.55
C GLU A 214 35.47 37.42 45.08
N ASP A 215 36.59 37.57 44.40
CA ASP A 215 36.60 38.02 43.00
C ASP A 215 35.73 37.15 42.09
N VAL A 216 35.80 35.84 42.28
CA VAL A 216 34.93 34.91 41.59
C VAL A 216 33.49 35.38 41.77
N GLY A 217 32.98 35.27 42.99
CA GLY A 217 31.62 35.68 43.34
C GLY A 217 31.23 36.99 42.70
N LYS A 218 32.11 37.97 42.86
CA LYS A 218 31.93 39.31 42.29
C LYS A 218 31.75 39.31 40.77
N THR A 219 32.37 38.38 40.06
CA THR A 219 32.24 38.38 38.61
C THR A 219 31.33 37.29 38.05
N THR A 220 30.76 36.45 38.90
CA THR A 220 29.88 35.43 38.36
C THR A 220 28.71 36.03 37.53
N PRO A 221 28.08 37.15 37.99
CA PRO A 221 26.93 37.56 37.18
C PRO A 221 27.24 37.90 35.70
N GLN A 222 28.30 38.67 35.41
CA GLN A 222 28.70 38.91 34.02
C GLN A 222 28.93 37.60 33.24
N TYR A 223 29.37 36.56 33.93
CA TYR A 223 29.58 35.29 33.29
C TYR A 223 28.20 34.77 32.88
N MET A 224 27.31 34.65 33.86
CA MET A 224 25.97 34.17 33.61
C MET A 224 25.30 34.94 32.51
N GLU A 225 25.27 36.27 32.61
CA GLU A 225 24.59 37.07 31.60
C GLU A 225 25.17 36.84 30.23
N ASN A 226 26.48 36.68 30.15
CA ASN A 226 27.07 36.43 28.84
C ASN A 226 26.76 35.04 28.33
N MET A 227 26.97 34.04 29.19
CA MET A 227 26.59 32.67 28.90
C MET A 227 25.14 32.58 28.48
N GLU A 228 24.28 33.33 29.13
CA GLU A 228 22.88 33.21 28.92
C GLU A 228 22.57 33.85 27.59
N GLN A 229 23.28 34.93 27.29
CA GLN A 229 23.10 35.64 26.04
C GLN A 229 23.30 34.73 24.84
N VAL A 230 24.42 34.00 24.82
CA VAL A 230 24.73 33.09 23.71
C VAL A 230 23.66 31.97 23.59
N PHE A 231 23.41 31.30 24.71
CA PHE A 231 22.46 30.22 24.75
C PHE A 231 21.14 30.64 24.15
N GLU A 232 20.81 31.92 24.33
CA GLU A 232 19.57 32.48 23.82
C GLU A 232 19.57 32.54 22.31
N GLN A 233 20.71 32.86 21.70
CA GLN A 233 20.84 32.81 20.22
C GLN A 233 20.60 31.38 19.73
N CYS A 234 21.16 30.43 20.45
CA CYS A 234 20.95 29.03 20.19
C CYS A 234 19.50 28.53 20.30
N GLN A 235 18.78 28.95 21.33
CA GLN A 235 17.37 28.61 21.49
C GLN A 235 16.58 29.19 20.35
N GLN A 236 16.76 30.47 20.07
CA GLN A 236 16.10 31.04 18.92
C GLN A 236 16.34 30.23 17.64
N PHE A 237 17.55 29.71 17.48
CA PHE A 237 17.85 29.02 16.28
C PHE A 237 17.01 27.73 16.26
N GLU A 238 17.23 26.88 17.25
CA GLU A 238 16.57 25.59 17.34
C GLU A 238 15.09 25.77 17.19
N GLU A 239 14.53 26.81 17.81
CA GLU A 239 13.11 27.06 17.69
C GLU A 239 12.72 27.03 16.22
N LYS A 240 13.30 27.91 15.39
CA LYS A 240 13.12 27.86 13.93
C LYS A 240 12.98 26.40 13.40
N ARG A 241 14.02 25.60 13.61
CA ARG A 241 14.01 24.22 13.23
C ARG A 241 12.82 23.46 13.76
N LEU A 242 12.53 23.58 15.04
CA LEU A 242 11.43 22.82 15.61
C LEU A 242 10.08 23.29 15.09
N VAL A 243 9.93 24.57 14.90
CA VAL A 243 8.70 25.09 14.36
C VAL A 243 8.51 24.59 12.94
N PHE A 244 9.61 24.48 12.23
CA PHE A 244 9.56 24.02 10.87
C PHE A 244 9.36 22.52 10.82
N LEU A 245 10.03 21.82 11.71
CA LEU A 245 9.92 20.39 11.76
C LEU A 245 8.46 20.04 11.86
N LYS A 246 7.78 20.63 12.85
CA LYS A 246 6.35 20.42 13.03
C LYS A 246 5.54 20.67 11.75
N GLU A 247 5.85 21.73 11.03
CA GLU A 247 5.08 22.11 9.87
C GLU A 247 5.17 21.01 8.84
N VAL A 248 6.38 20.54 8.63
CA VAL A 248 6.63 19.49 7.67
C VAL A 248 5.94 18.18 8.07
N LEU A 249 6.06 17.76 9.33
CA LEU A 249 5.41 16.53 9.73
C LEU A 249 3.92 16.55 9.42
N LEU A 250 3.32 17.72 9.60
CA LEU A 250 1.93 17.91 9.31
C LEU A 250 1.76 17.79 7.80
N ASP A 251 2.66 18.42 7.03
CA ASP A 251 2.62 18.29 5.61
C ASP A 251 2.59 16.81 5.25
N ILE A 252 3.54 16.04 5.78
CA ILE A 252 3.64 14.62 5.49
C ILE A 252 2.38 13.82 5.79
N LYS A 253 1.75 14.08 6.93
CA LYS A 253 0.52 13.41 7.30
C LYS A 253 -0.58 13.62 6.24
N ARG A 254 -0.70 14.84 5.73
CA ARG A 254 -1.71 15.11 4.75
C ARG A 254 -1.39 14.33 3.47
N HIS A 255 -0.12 14.16 3.17
CA HIS A 255 0.20 13.40 1.97
C HIS A 255 -0.01 11.92 2.15
N LEU A 256 0.11 11.47 3.40
CA LEU A 256 -0.08 10.08 3.73
C LEU A 256 -1.55 9.65 3.75
N ASN A 257 -2.45 10.59 4.01
CA ASN A 257 -3.81 10.25 4.39
C ASN A 257 -4.71 9.99 3.20
N LEU A 258 -4.98 8.70 2.95
CA LEU A 258 -5.82 8.39 1.82
C LEU A 258 -7.23 8.85 2.05
N ALA A 259 -7.76 8.71 3.27
CA ALA A 259 -9.06 9.35 3.55
C ALA A 259 -9.08 10.92 3.58
N GLU A 260 -7.97 11.62 3.27
CA GLU A 260 -8.03 13.09 2.89
C GLU A 260 -8.83 13.24 1.55
N ASN A 261 -9.51 12.14 1.16
CA ASN A 261 -9.82 11.85 -0.22
C ASN A 261 -11.20 11.28 -0.41
N SER A 262 -12.12 12.19 -0.72
CA SER A 262 -13.34 11.82 -1.38
C SER A 262 -12.90 10.91 -2.54
N SER A 263 -11.74 11.22 -3.14
CA SER A 263 -11.17 10.35 -4.15
C SER A 263 -11.10 8.87 -3.81
N TYR A 264 -10.53 8.53 -2.66
CA TYR A 264 -10.36 7.12 -2.29
C TYR A 264 -11.74 6.49 -2.15
N ILE A 265 -12.69 7.22 -1.58
CA ILE A 265 -14.08 6.73 -1.43
C ILE A 265 -14.73 6.56 -2.80
N HIS A 266 -14.50 7.52 -3.69
CA HIS A 266 -15.04 7.43 -5.03
C HIS A 266 -14.73 6.08 -5.66
N VAL A 267 -13.48 5.66 -5.59
CA VAL A 267 -13.11 4.45 -6.27
C VAL A 267 -13.87 3.23 -5.79
N TYR A 268 -14.16 3.19 -4.49
CA TYR A 268 -14.99 2.08 -4.00
C TYR A 268 -16.46 2.19 -4.37
N ARG A 269 -17.00 3.39 -4.31
CA ARG A 269 -18.35 3.65 -4.77
C ARG A 269 -18.45 3.15 -6.22
N GLU A 270 -17.50 3.56 -7.06
CA GLU A 270 -17.57 3.32 -8.49
C GLU A 270 -17.45 1.81 -8.74
N LEU A 271 -16.72 1.12 -7.89
CA LEU A 271 -16.62 -0.31 -8.01
C LEU A 271 -17.97 -0.92 -7.74
N GLU A 272 -18.48 -0.68 -6.53
CA GLU A 272 -19.76 -1.29 -6.14
C GLU A 272 -20.85 -1.08 -7.18
N GLN A 273 -20.83 0.09 -7.83
CA GLN A 273 -21.83 0.40 -8.83
C GLN A 273 -21.68 -0.50 -10.05
N ALA A 274 -20.48 -0.53 -10.62
CA ALA A 274 -20.13 -1.44 -11.68
C ALA A 274 -20.52 -2.91 -11.38
N ILE A 275 -20.45 -3.32 -10.12
CA ILE A 275 -20.78 -4.71 -9.82
C ILE A 275 -22.28 -4.89 -9.77
N ARG A 276 -22.95 -3.99 -9.05
CA ARG A 276 -24.39 -4.12 -8.88
C ARG A 276 -25.09 -3.96 -10.22
N GLY A 277 -24.33 -3.42 -11.17
CA GLY A 277 -24.74 -3.27 -12.56
C GLY A 277 -24.89 -4.60 -13.24
N ALA A 278 -24.12 -5.60 -12.80
CA ALA A 278 -24.15 -6.94 -13.41
C ALA A 278 -25.53 -7.53 -13.34
N ASP A 279 -25.99 -7.98 -14.49
CA ASP A 279 -27.28 -8.66 -14.61
C ASP A 279 -27.05 -10.08 -15.11
N ALA A 280 -27.36 -11.06 -14.26
CA ALA A 280 -27.23 -12.44 -14.70
C ALA A 280 -28.23 -12.81 -15.81
N GLN A 281 -29.51 -12.49 -15.61
CA GLN A 281 -30.50 -12.94 -16.59
C GLN A 281 -30.26 -12.24 -17.90
N GLU A 282 -29.80 -11.01 -17.84
CA GLU A 282 -29.41 -10.32 -19.07
C GLU A 282 -28.26 -11.05 -19.80
N ASP A 283 -27.25 -11.48 -19.04
CA ASP A 283 -26.10 -12.23 -19.59
C ASP A 283 -26.54 -13.51 -20.22
N LEU A 284 -27.55 -14.16 -19.65
CA LEU A 284 -28.01 -15.43 -20.21
C LEU A 284 -28.72 -15.22 -21.54
N ARG A 285 -29.68 -14.29 -21.57
CA ARG A 285 -30.26 -13.82 -22.83
C ARG A 285 -29.22 -13.62 -23.94
N TRP A 286 -28.08 -13.03 -23.61
CA TRP A 286 -27.15 -12.69 -24.65
C TRP A 286 -26.54 -13.95 -25.27
N PHE A 287 -26.32 -14.96 -24.43
CA PHE A 287 -25.76 -16.20 -24.91
C PHE A 287 -26.79 -17.01 -25.72
N ARG A 288 -28.03 -16.93 -25.28
CA ARG A 288 -29.12 -17.53 -26.00
C ARG A 288 -29.16 -17.07 -27.46
N SER A 289 -29.21 -15.76 -27.68
CA SER A 289 -29.24 -15.27 -29.05
C SER A 289 -27.87 -15.29 -29.71
N THR A 290 -26.81 -15.20 -28.94
CA THR A 290 -25.50 -15.18 -29.53
C THR A 290 -24.98 -16.53 -29.91
N SER A 291 -25.43 -17.55 -29.19
CA SER A 291 -24.73 -18.82 -29.20
C SER A 291 -25.65 -20.03 -29.11
N GLY A 292 -26.92 -19.78 -28.85
CA GLY A 292 -27.86 -20.87 -28.64
C GLY A 292 -29.06 -20.81 -29.53
N PRO A 293 -30.20 -21.29 -29.01
CA PRO A 293 -31.47 -21.37 -29.69
C PRO A 293 -31.89 -20.12 -30.40
N GLY A 294 -31.76 -18.94 -29.80
CA GLY A 294 -32.21 -17.72 -30.46
C GLY A 294 -31.39 -17.37 -31.69
N MET A 295 -30.34 -18.12 -31.97
CA MET A 295 -29.53 -17.91 -33.15
C MET A 295 -30.34 -18.14 -34.43
N PRO A 296 -29.96 -17.48 -35.56
CA PRO A 296 -30.78 -17.62 -36.78
C PRO A 296 -30.61 -19.01 -37.38
N MET A 297 -31.47 -19.43 -38.30
CA MET A 297 -31.30 -20.73 -38.94
C MET A 297 -32.03 -20.86 -40.26
N ASN A 298 -31.30 -21.31 -41.27
CA ASN A 298 -31.89 -21.71 -42.55
C ASN A 298 -32.36 -23.14 -42.47
N TRP A 299 -33.61 -23.32 -42.06
CA TRP A 299 -34.20 -24.65 -42.06
C TRP A 299 -34.26 -25.16 -43.50
N PRO A 300 -34.10 -26.50 -43.69
CA PRO A 300 -33.93 -27.04 -45.05
C PRO A 300 -35.17 -26.89 -45.94
N GLN A 301 -35.00 -26.37 -47.14
CA GLN A 301 -36.07 -26.30 -48.15
C GLN A 301 -35.64 -27.02 -49.44
N PHE A 302 -36.64 -27.46 -50.20
CA PHE A 302 -36.47 -27.83 -51.60
C PHE A 302 -35.52 -26.91 -52.37
N GLU A 303 -34.67 -27.49 -53.21
CA GLU A 303 -33.78 -26.73 -54.11
C GLU A 303 -33.58 -27.53 -55.41
N GLU A 304 -34.06 -26.93 -56.51
CA GLU A 304 -34.04 -27.47 -57.88
C GLU A 304 -32.64 -27.62 -58.41
N TRP A 305 -32.51 -28.33 -59.53
CA TRP A 305 -31.23 -28.59 -60.13
C TRP A 305 -30.42 -27.35 -60.46
N ASN A 306 -31.06 -26.37 -61.06
CA ASN A 306 -30.29 -25.19 -61.39
C ASN A 306 -29.12 -25.75 -62.14
N PRO A 307 -27.92 -25.38 -61.76
CA PRO A 307 -26.73 -25.89 -62.44
C PRO A 307 -25.48 -25.74 -61.59
N THR B 16 -24.76 -21.97 -40.91
CA THR B 16 -23.70 -23.01 -40.90
C THR B 16 -23.10 -23.03 -39.51
N ASP B 17 -22.92 -21.82 -38.98
CA ASP B 17 -22.40 -21.63 -37.64
C ASP B 17 -23.48 -21.73 -36.55
N SER B 18 -24.74 -21.83 -36.93
CA SER B 18 -25.87 -21.75 -35.99
C SER B 18 -25.99 -22.93 -35.04
N PHE B 19 -26.37 -22.62 -33.80
CA PHE B 19 -26.74 -23.62 -32.78
C PHE B 19 -27.51 -24.80 -33.32
N TRP B 20 -28.37 -24.51 -34.30
CA TRP B 20 -29.36 -25.47 -34.75
C TRP B 20 -28.80 -26.49 -35.70
N GLU B 21 -27.62 -26.22 -36.23
CA GLU B 21 -26.94 -27.16 -37.13
C GLU B 21 -26.35 -28.27 -36.29
N VAL B 22 -26.26 -29.47 -36.86
CA VAL B 22 -25.69 -30.59 -36.13
C VAL B 22 -24.35 -30.26 -35.42
N GLY B 23 -24.25 -30.57 -34.13
CA GLY B 23 -22.97 -30.52 -33.42
C GLY B 23 -22.63 -29.19 -32.78
N ASN B 24 -23.34 -28.14 -33.17
CA ASN B 24 -23.02 -26.82 -32.68
C ASN B 24 -23.53 -26.56 -31.28
N TYR B 25 -24.28 -27.51 -30.70
CA TYR B 25 -24.63 -27.37 -29.29
C TYR B 25 -23.40 -27.42 -28.41
N LYS B 26 -22.24 -27.74 -28.98
CA LYS B 26 -21.03 -27.93 -28.20
C LYS B 26 -20.56 -26.69 -27.43
N ARG B 27 -20.64 -25.52 -28.05
CA ARG B 27 -20.43 -24.26 -27.33
C ARG B 27 -21.16 -24.17 -25.98
N THR B 28 -22.42 -24.58 -25.92
CA THR B 28 -23.10 -24.57 -24.64
C THR B 28 -22.46 -25.56 -23.67
N VAL B 29 -22.08 -26.72 -24.20
CA VAL B 29 -21.36 -27.70 -23.41
C VAL B 29 -20.00 -27.11 -23.01
N LYS B 30 -19.26 -26.51 -23.93
CA LYS B 30 -17.92 -25.99 -23.60
C LYS B 30 -17.97 -25.03 -22.42
N ARG B 31 -19.01 -24.19 -22.43
CA ARG B 31 -19.26 -23.20 -21.41
C ARG B 31 -19.29 -23.78 -20.02
N ILE B 32 -19.80 -25.00 -19.89
CA ILE B 32 -19.81 -25.69 -18.60
C ILE B 32 -18.39 -25.91 -18.07
N ASP B 33 -17.57 -26.63 -18.83
CA ASP B 33 -16.16 -26.74 -18.52
C ASP B 33 -15.60 -25.35 -18.12
N ASP B 34 -15.95 -24.32 -18.90
CA ASP B 34 -15.40 -22.98 -18.69
C ASP B 34 -15.66 -22.55 -17.26
N GLY B 35 -16.90 -22.62 -16.80
CA GLY B 35 -17.21 -22.12 -15.49
C GLY B 35 -16.27 -22.70 -14.43
N HIS B 36 -16.00 -23.99 -14.51
CA HIS B 36 -15.11 -24.54 -13.51
C HIS B 36 -13.77 -23.84 -13.59
N ARG B 37 -13.18 -23.78 -14.77
CA ARG B 37 -11.94 -23.05 -14.94
C ARG B 37 -12.07 -21.61 -14.47
N LEU B 38 -13.21 -20.99 -14.72
CA LEU B 38 -13.34 -19.62 -14.30
C LEU B 38 -13.32 -19.46 -12.77
N CYS B 39 -13.63 -20.54 -12.05
CA CYS B 39 -13.46 -20.51 -10.62
C CYS B 39 -12.02 -20.53 -10.31
N ASN B 40 -11.29 -21.40 -10.99
CA ASN B 40 -9.84 -21.36 -10.90
C ASN B 40 -9.27 -19.97 -11.13
N ASP B 41 -9.58 -19.37 -12.27
CA ASP B 41 -9.03 -18.07 -12.55
C ASP B 41 -9.27 -17.07 -11.43
N LEU B 42 -10.51 -17.01 -10.93
CA LEU B 42 -10.85 -16.09 -9.89
C LEU B 42 -10.06 -16.36 -8.61
N MET B 43 -9.87 -17.63 -8.26
CA MET B 43 -9.12 -17.99 -7.08
C MET B 43 -7.67 -17.51 -7.20
N ASN B 44 -7.06 -17.70 -8.34
CA ASN B 44 -5.73 -17.18 -8.50
C ASN B 44 -5.69 -15.66 -8.41
N CYS B 45 -6.73 -15.04 -8.93
CA CYS B 45 -6.80 -13.59 -8.98
C CYS B 45 -6.72 -13.07 -7.58
N VAL B 46 -7.50 -13.67 -6.71
CA VAL B 46 -7.52 -13.21 -5.34
C VAL B 46 -6.20 -13.50 -4.64
N GLN B 47 -5.66 -14.69 -4.82
CA GLN B 47 -4.45 -15.04 -4.13
C GLN B 47 -3.35 -14.04 -4.47
N GLU B 48 -3.15 -13.82 -5.77
CA GLU B 48 -2.21 -12.85 -6.24
C GLU B 48 -2.44 -11.50 -5.56
N ARG B 49 -3.68 -11.01 -5.56
CA ARG B 49 -4.03 -9.79 -4.84
C ARG B 49 -3.57 -9.84 -3.37
N ALA B 50 -4.04 -10.81 -2.59
CA ALA B 50 -3.53 -10.97 -1.22
C ALA B 50 -2.00 -10.93 -1.10
N LYS B 51 -1.26 -11.54 -2.01
CA LYS B 51 0.19 -11.53 -1.92
C LYS B 51 0.67 -10.09 -1.93
N ILE B 52 -0.01 -9.28 -2.71
CA ILE B 52 0.38 -7.92 -2.94
C ILE B 52 0.13 -7.08 -1.69
N GLU B 53 -1.03 -7.26 -1.07
CA GLU B 53 -1.35 -6.60 0.18
C GLU B 53 -0.35 -7.00 1.26
N LYS B 54 -0.08 -8.30 1.33
CA LYS B 54 0.88 -8.84 2.27
C LYS B 54 2.22 -8.13 2.13
N ALA B 55 2.61 -7.76 0.92
CA ALA B 55 3.95 -7.23 0.74
C ALA B 55 4.01 -5.81 1.26
N TYR B 56 2.98 -5.04 1.00
CA TYR B 56 2.89 -3.66 1.47
C TYR B 56 2.80 -3.55 3.00
N GLY B 57 1.98 -4.37 3.66
CA GLY B 57 1.95 -4.36 5.12
C GLY B 57 3.31 -4.72 5.73
N GLN B 58 4.06 -5.54 4.99
CA GLN B 58 5.27 -6.09 5.49
C GLN B 58 6.32 -5.02 5.37
N GLN B 59 6.34 -4.38 4.21
CA GLN B 59 7.32 -3.38 3.99
C GLN B 59 7.09 -2.18 4.96
N LEU B 60 5.83 -1.89 5.26
CA LEU B 60 5.51 -0.85 6.21
C LEU B 60 6.02 -1.18 7.61
N THR B 61 5.73 -2.36 8.14
CA THR B 61 6.26 -2.68 9.43
C THR B 61 7.78 -2.63 9.42
N ASP B 62 8.44 -3.14 8.37
CA ASP B 62 9.91 -3.04 8.37
C ASP B 62 10.37 -1.58 8.53
N TRP B 63 9.70 -0.68 7.82
CA TRP B 63 10.00 0.72 7.88
C TRP B 63 9.73 1.28 9.28
N ALA B 64 8.52 1.09 9.80
CA ALA B 64 8.23 1.54 11.15
C ALA B 64 9.33 1.07 12.12
N LYS B 65 9.79 -0.16 11.96
CA LYS B 65 10.83 -0.68 12.82
C LYS B 65 12.17 0.01 12.60
N ARG B 66 12.60 0.22 11.35
CA ARG B 66 13.80 1.04 11.10
C ARG B 66 13.73 2.34 11.87
N TRP B 67 12.63 3.04 11.70
CA TRP B 67 12.70 4.41 11.97
C TRP B 67 12.43 4.67 13.42
N ARG B 68 11.51 3.89 13.97
CA ARG B 68 11.39 3.80 15.42
C ARG B 68 12.78 3.71 16.07
N GLN B 69 13.59 2.73 15.67
CA GLN B 69 14.95 2.66 16.14
C GLN B 69 15.85 3.84 15.82
N LEU B 70 15.74 4.43 14.63
CA LEU B 70 16.68 5.51 14.30
C LEU B 70 16.32 6.79 15.01
N ILE B 71 15.02 7.02 15.19
CA ILE B 71 14.59 8.18 15.96
C ILE B 71 15.06 8.06 17.43
N GLU B 72 14.91 6.87 18.01
CA GLU B 72 15.27 6.56 19.38
C GLU B 72 16.73 6.89 19.60
N LYS B 73 17.59 6.09 18.98
CA LYS B 73 19.05 6.23 19.04
C LYS B 73 19.61 7.61 18.67
N GLY B 74 18.80 8.50 18.10
CA GLY B 74 19.31 9.71 17.44
C GLY B 74 19.10 10.93 18.30
N PRO B 75 19.64 12.09 17.87
CA PRO B 75 19.64 13.25 18.75
C PRO B 75 18.31 13.99 18.88
N GLN B 76 17.30 13.63 18.13
CA GLN B 76 16.01 14.29 18.26
C GLN B 76 15.38 13.91 19.60
N TYR B 77 14.84 14.90 20.28
CA TYR B 77 14.44 14.70 21.64
C TYR B 77 13.04 15.28 21.78
N GLY B 78 12.46 15.28 22.98
CA GLY B 78 11.28 16.13 23.27
C GLY B 78 9.92 15.62 22.85
N SER B 79 9.01 16.54 22.55
CA SER B 79 7.70 16.15 22.02
C SER B 79 7.87 15.92 20.54
N LEU B 80 8.71 16.71 19.90
CA LEU B 80 9.04 16.43 18.51
C LEU B 80 9.65 15.05 18.23
N GLU B 81 10.38 14.45 19.13
CA GLU B 81 10.71 13.06 18.93
C GLU B 81 9.42 12.24 18.88
N ARG B 82 8.45 12.55 19.73
CA ARG B 82 7.24 11.72 19.81
C ARG B 82 6.34 11.90 18.59
N ALA B 83 6.12 13.16 18.19
CA ALA B 83 5.42 13.51 16.94
C ALA B 83 6.03 12.78 15.74
N TRP B 84 7.31 12.87 15.58
CA TRP B 84 7.93 12.17 14.47
C TRP B 84 7.74 10.65 14.58
N GLY B 85 7.94 10.12 15.78
CA GLY B 85 7.62 8.75 16.10
C GLY B 85 6.22 8.29 15.74
N ALA B 86 5.26 9.22 15.68
CA ALA B 86 3.88 8.86 15.46
C ALA B 86 3.61 8.35 14.07
N ILE B 87 4.35 8.88 13.11
CA ILE B 87 4.24 8.40 11.76
C ILE B 87 4.51 6.91 11.76
N MET B 88 5.59 6.47 12.41
CA MET B 88 5.83 5.02 12.57
C MET B 88 4.62 4.28 13.17
N THR B 89 3.83 4.96 14.00
CA THR B 89 2.62 4.37 14.50
C THR B 89 1.54 4.24 13.43
N GLU B 90 1.41 5.21 12.52
CA GLU B 90 0.46 4.98 11.40
C GLU B 90 0.92 3.83 10.50
N ALA B 91 2.20 3.78 10.21
CA ALA B 91 2.66 2.71 9.37
C ALA B 91 2.41 1.35 10.02
N ASP B 92 2.38 1.27 11.33
CA ASP B 92 2.06 -0.02 11.90
C ASP B 92 0.60 -0.34 11.76
N LYS B 93 -0.25 0.64 11.99
CA LYS B 93 -1.69 0.42 11.90
C LYS B 93 -2.14 0.09 10.48
N VAL B 94 -1.70 0.91 9.53
CA VAL B 94 -2.03 0.69 8.15
C VAL B 94 -1.54 -0.70 7.81
N SER B 95 -0.28 -1.00 8.05
CA SER B 95 0.21 -2.35 7.78
C SER B 95 -0.77 -3.40 8.27
N GLU B 96 -1.34 -3.15 9.42
CA GLU B 96 -2.17 -4.15 10.04
C GLU B 96 -3.47 -4.33 9.26
N LEU B 97 -4.00 -3.22 8.74
CA LEU B 97 -5.23 -3.28 7.98
C LEU B 97 -5.05 -4.04 6.66
N HIS B 98 -3.99 -3.73 5.94
CA HIS B 98 -3.64 -4.55 4.80
C HIS B 98 -3.45 -6.05 5.15
N GLN B 99 -2.94 -6.38 6.31
CA GLN B 99 -2.85 -7.79 6.56
C GLN B 99 -4.21 -8.45 6.78
N GLU B 100 -5.17 -7.63 7.19
CA GLU B 100 -6.54 -8.05 7.44
C GLU B 100 -7.24 -8.32 6.12
N VAL B 101 -7.00 -7.41 5.17
CA VAL B 101 -7.41 -7.55 3.77
C VAL B 101 -6.90 -8.88 3.20
N LYS B 102 -5.59 -9.07 3.22
CA LYS B 102 -5.02 -10.33 2.83
C LYS B 102 -5.74 -11.47 3.53
N ASN B 103 -5.91 -11.40 4.84
CA ASN B 103 -6.53 -12.56 5.49
C ASN B 103 -8.00 -12.79 5.09
N ASN B 104 -8.71 -11.75 4.67
CA ASN B 104 -10.10 -11.95 4.25
C ASN B 104 -10.12 -12.51 2.85
N LEU B 105 -9.43 -11.81 1.97
CA LEU B 105 -9.26 -12.31 0.64
C LEU B 105 -8.99 -13.82 0.70
N LEU B 106 -8.07 -14.27 1.53
CA LEU B 106 -7.67 -15.66 1.48
C LEU B 106 -8.58 -16.60 2.21
N ASN B 107 -9.01 -16.18 3.40
CA ASN B 107 -9.80 -17.06 4.28
C ASN B 107 -11.26 -17.05 3.97
N GLU B 108 -11.73 -15.98 3.36
CA GLU B 108 -13.13 -15.93 3.06
C GLU B 108 -13.33 -16.21 1.61
N ASP B 109 -12.97 -15.22 0.80
CA ASP B 109 -13.31 -15.26 -0.61
C ASP B 109 -12.72 -16.43 -1.37
N LEU B 110 -11.42 -16.63 -1.27
CA LEU B 110 -10.86 -17.79 -1.91
C LEU B 110 -11.53 -19.04 -1.34
N GLU B 111 -11.63 -19.19 -0.04
CA GLU B 111 -12.26 -20.41 0.46
C GLU B 111 -13.74 -20.55 0.01
N LYS B 112 -14.44 -19.43 -0.09
CA LYS B 112 -15.81 -19.43 -0.58
C LYS B 112 -15.89 -20.00 -1.99
N VAL B 113 -15.01 -19.52 -2.85
CA VAL B 113 -14.96 -19.95 -4.22
C VAL B 113 -14.51 -21.39 -4.25
N LYS B 114 -13.42 -21.72 -3.56
CA LYS B 114 -12.98 -23.11 -3.52
C LYS B 114 -14.16 -24.06 -3.19
N ASN B 115 -14.94 -23.67 -2.19
CA ASN B 115 -16.03 -24.51 -1.75
C ASN B 115 -17.11 -24.60 -2.79
N TRP B 116 -17.51 -23.46 -3.32
CA TRP B 116 -18.53 -23.49 -4.36
C TRP B 116 -18.15 -24.46 -5.52
N GLN B 117 -16.99 -24.25 -6.10
CA GLN B 117 -16.48 -25.15 -7.12
C GLN B 117 -16.57 -26.63 -6.72
N LYS B 118 -16.08 -26.97 -5.55
CA LYS B 118 -15.99 -28.37 -5.14
C LYS B 118 -17.36 -29.00 -5.15
N ASP B 119 -18.35 -28.29 -4.61
CA ASP B 119 -19.68 -28.87 -4.47
C ASP B 119 -20.46 -28.78 -5.78
N ALA B 120 -19.92 -28.06 -6.75
CA ALA B 120 -20.61 -27.72 -7.97
C ALA B 120 -20.17 -28.55 -9.17
N TYR B 121 -18.93 -29.03 -9.18
CA TYR B 121 -18.42 -29.81 -10.30
C TYR B 121 -17.87 -31.13 -9.82
N HIS B 122 -18.06 -32.20 -10.59
CA HIS B 122 -17.68 -33.52 -10.12
C HIS B 122 -16.87 -34.30 -11.13
N LYS B 123 -15.62 -34.53 -10.80
CA LYS B 123 -14.64 -35.08 -11.74
C LYS B 123 -14.89 -36.53 -12.20
N GLN B 124 -15.86 -37.17 -11.61
CA GLN B 124 -16.10 -38.48 -12.09
C GLN B 124 -14.98 -39.46 -11.95
N ILE B 125 -14.69 -40.00 -13.11
CA ILE B 125 -13.70 -40.99 -13.34
C ILE B 125 -13.02 -40.37 -14.48
N MET B 126 -11.91 -40.92 -14.92
CA MET B 126 -11.29 -40.29 -16.04
C MET B 126 -10.92 -38.87 -15.68
N GLY B 127 -11.39 -37.89 -16.43
CA GLY B 127 -12.34 -38.05 -17.51
C GLY B 127 -13.52 -37.09 -17.55
N GLY B 128 -13.25 -35.83 -17.26
CA GLY B 128 -14.20 -34.73 -17.33
C GLY B 128 -15.15 -34.58 -16.15
N PHE B 129 -16.01 -33.58 -16.21
CA PHE B 129 -17.03 -33.43 -15.19
C PHE B 129 -18.36 -34.05 -15.61
N LYS B 130 -19.04 -34.57 -14.59
CA LYS B 130 -20.33 -35.22 -14.68
C LYS B 130 -21.37 -34.25 -15.25
N GLU B 131 -21.25 -32.98 -14.90
CA GLU B 131 -22.21 -31.96 -15.35
C GLU B 131 -22.02 -31.64 -16.82
N THR B 132 -20.80 -31.85 -17.33
CA THR B 132 -20.55 -31.68 -18.74
C THR B 132 -21.19 -32.82 -19.53
N LYS B 133 -20.92 -34.07 -19.12
CA LYS B 133 -21.45 -35.26 -19.77
C LYS B 133 -22.99 -35.29 -19.81
N GLU B 134 -23.63 -35.05 -18.67
CA GLU B 134 -25.09 -34.96 -18.66
C GLU B 134 -25.59 -34.08 -19.80
N ALA B 135 -25.01 -32.90 -19.94
CA ALA B 135 -25.38 -31.99 -21.01
C ALA B 135 -25.08 -32.62 -22.37
N GLU B 136 -23.85 -33.09 -22.55
CA GLU B 136 -23.45 -33.78 -23.76
C GLU B 136 -24.39 -34.90 -24.19
N ASP B 137 -24.83 -35.72 -23.23
CA ASP B 137 -25.68 -36.84 -23.53
C ASP B 137 -27.07 -36.38 -23.91
N GLY B 138 -27.52 -35.28 -23.30
CA GLY B 138 -28.83 -34.73 -23.54
C GLY B 138 -28.88 -34.16 -24.94
N PHE B 139 -27.82 -33.48 -25.34
CA PHE B 139 -27.84 -32.92 -26.64
C PHE B 139 -27.78 -34.03 -27.66
N ARG B 140 -26.92 -35.02 -27.45
CA ARG B 140 -26.76 -36.08 -28.43
C ARG B 140 -28.09 -36.81 -28.63
N LYS B 141 -28.88 -36.90 -27.57
CA LYS B 141 -30.09 -37.67 -27.62
C LYS B 141 -31.16 -36.86 -28.31
N ALA B 142 -31.19 -35.56 -27.99
CA ALA B 142 -32.08 -34.62 -28.65
C ALA B 142 -31.73 -34.46 -30.10
N GLN B 143 -30.47 -34.52 -30.47
CA GLN B 143 -30.22 -34.34 -31.87
C GLN B 143 -30.17 -35.55 -32.74
N LYS B 144 -30.15 -36.74 -32.18
CA LYS B 144 -30.04 -37.89 -33.03
C LYS B 144 -31.05 -38.28 -34.09
N PRO B 145 -32.33 -38.30 -33.82
CA PRO B 145 -33.21 -38.70 -34.91
C PRO B 145 -33.00 -37.71 -36.01
N TRP B 146 -33.20 -36.46 -35.66
CA TRP B 146 -32.95 -35.35 -36.55
C TRP B 146 -31.63 -35.42 -37.32
N ALA B 147 -30.50 -35.62 -36.64
CA ALA B 147 -29.21 -35.74 -37.33
C ALA B 147 -29.24 -36.84 -38.42
N LYS B 148 -29.87 -37.97 -38.10
CA LYS B 148 -30.00 -39.07 -39.05
C LYS B 148 -30.88 -38.66 -40.24
N LYS B 149 -32.01 -37.99 -39.98
CA LYS B 149 -32.87 -37.52 -41.06
C LYS B 149 -32.10 -36.56 -41.95
N MET B 150 -31.20 -35.81 -41.34
CA MET B 150 -30.50 -34.74 -42.03
C MET B 150 -29.43 -35.26 -42.98
N LYS B 151 -28.95 -36.46 -42.69
CA LYS B 151 -27.93 -37.11 -43.50
C LYS B 151 -28.66 -37.69 -44.68
N GLU B 152 -29.87 -38.17 -44.42
CA GLU B 152 -30.65 -38.86 -45.42
C GLU B 152 -31.22 -37.85 -46.41
N LEU B 153 -31.77 -36.76 -45.88
CA LEU B 153 -32.25 -35.66 -46.71
C LEU B 153 -31.12 -35.24 -47.62
N GLU B 154 -29.93 -35.09 -47.05
CA GLU B 154 -28.71 -34.85 -47.83
C GLU B 154 -28.53 -35.86 -48.98
N ALA B 155 -28.50 -37.16 -48.68
CA ALA B 155 -28.30 -38.20 -49.70
C ALA B 155 -29.32 -38.06 -50.82
N ALA B 156 -30.57 -37.79 -50.45
CA ALA B 156 -31.67 -37.54 -51.38
C ALA B 156 -31.36 -36.40 -52.38
N LYS B 157 -31.27 -35.16 -51.95
CA LYS B 157 -31.09 -34.06 -52.87
C LYS B 157 -30.13 -34.35 -54.01
N LYS B 158 -28.96 -34.89 -53.73
CA LYS B 158 -28.01 -35.19 -54.81
C LYS B 158 -28.47 -36.22 -55.85
N ALA B 159 -29.27 -37.20 -55.42
CA ALA B 159 -29.84 -38.19 -56.34
C ALA B 159 -30.91 -37.53 -57.22
N TYR B 160 -31.45 -36.41 -56.74
CA TYR B 160 -32.31 -35.54 -57.54
C TYR B 160 -31.40 -34.62 -58.36
N HIS B 161 -30.35 -34.07 -57.72
CA HIS B 161 -29.29 -33.30 -58.40
C HIS B 161 -28.47 -34.18 -59.37
N LEU B 162 -28.83 -35.47 -59.42
CA LEU B 162 -28.17 -36.47 -60.23
C LEU B 162 -29.11 -37.01 -61.32
N ALA B 163 -30.42 -36.72 -61.23
CA ALA B 163 -31.40 -37.20 -62.25
C ALA B 163 -31.99 -36.11 -63.19
N CYS B 164 -31.86 -34.84 -62.79
CA CYS B 164 -32.18 -33.70 -63.66
C CYS B 164 -31.01 -33.41 -64.61
N LYS B 165 -29.83 -33.20 -64.02
CA LYS B 165 -28.58 -33.00 -64.77
C LYS B 165 -28.35 -34.14 -65.80
N GLU B 166 -28.70 -35.35 -65.39
CA GLU B 166 -28.75 -36.55 -66.24
C GLU B 166 -29.59 -36.35 -67.52
N GLU B 167 -30.68 -35.57 -67.39
CA GLU B 167 -31.56 -35.31 -68.53
C GLU B 167 -30.86 -34.46 -69.60
N LYS B 168 -29.74 -33.83 -69.20
CA LYS B 168 -28.93 -32.99 -70.10
C LYS B 168 -28.37 -33.46 -71.45
N LEU B 169 -27.78 -34.66 -71.45
CA LEU B 169 -27.21 -35.29 -72.63
C LEU B 169 -28.04 -36.33 -73.35
N ALA B 170 -28.76 -37.10 -72.57
CA ALA B 170 -29.62 -38.14 -73.09
C ALA B 170 -31.02 -37.57 -73.30
N MET B 171 -31.23 -36.31 -72.95
CA MET B 171 -32.54 -35.71 -73.11
C MET B 171 -33.09 -35.84 -74.53
N ASP B 196 -36.47 -42.92 -72.73
CA ASP B 196 -35.48 -43.17 -71.69
C ASP B 196 -36.16 -43.20 -70.32
N LYS B 197 -35.63 -44.02 -69.40
CA LYS B 197 -36.04 -43.92 -68.00
C LYS B 197 -35.35 -42.70 -67.42
N CYS B 198 -35.67 -41.52 -67.97
CA CYS B 198 -35.08 -40.25 -67.48
C CYS B 198 -36.09 -39.33 -66.77
N LYS B 199 -37.27 -39.11 -67.38
CA LYS B 199 -38.37 -38.40 -66.70
C LYS B 199 -39.12 -39.30 -65.69
N GLN B 200 -38.87 -40.61 -65.77
CA GLN B 200 -39.31 -41.57 -64.75
C GLN B 200 -38.34 -41.71 -63.54
N ASP B 201 -37.12 -41.16 -63.67
CA ASP B 201 -36.13 -41.20 -62.60
C ASP B 201 -35.98 -39.85 -61.94
N VAL B 202 -36.38 -38.80 -62.67
CA VAL B 202 -36.66 -37.52 -62.03
C VAL B 202 -37.84 -37.78 -61.09
N GLN B 203 -38.89 -38.45 -61.60
CA GLN B 203 -40.15 -38.63 -60.85
C GLN B 203 -40.06 -39.60 -59.66
N LYS B 204 -38.91 -40.23 -59.44
CA LYS B 204 -38.73 -41.05 -58.24
C LYS B 204 -37.63 -40.58 -57.28
N THR B 205 -36.57 -39.96 -57.81
CA THR B 205 -35.62 -39.32 -56.92
C THR B 205 -36.20 -38.01 -56.39
N GLN B 206 -37.06 -37.37 -57.20
CA GLN B 206 -37.72 -36.13 -56.79
C GLN B 206 -38.75 -36.38 -55.69
N GLU B 207 -39.38 -37.55 -55.71
CA GLU B 207 -40.36 -37.84 -54.66
C GLU B 207 -39.77 -38.46 -53.39
N LYS B 208 -38.72 -39.27 -53.53
CA LYS B 208 -37.92 -39.65 -52.36
C LYS B 208 -37.51 -38.36 -51.68
N TYR B 209 -36.70 -37.57 -52.36
CA TYR B 209 -36.30 -36.28 -51.86
C TYR B 209 -37.47 -35.50 -51.25
N GLU B 210 -38.54 -35.29 -52.03
CA GLU B 210 -39.69 -34.53 -51.54
C GLU B 210 -40.30 -35.13 -50.29
N LYS B 211 -40.30 -36.46 -50.20
CA LYS B 211 -40.86 -37.15 -49.04
C LYS B 211 -39.98 -37.09 -47.80
N VAL B 212 -38.68 -37.31 -47.96
CA VAL B 212 -37.75 -37.14 -46.87
C VAL B 212 -37.86 -35.70 -46.37
N LEU B 213 -37.98 -34.76 -47.30
CA LEU B 213 -38.16 -33.36 -46.96
C LEU B 213 -39.42 -33.22 -46.12
N GLU B 214 -40.51 -33.82 -46.56
CA GLU B 214 -41.78 -33.71 -45.85
C GLU B 214 -41.59 -34.18 -44.42
N ASP B 215 -40.73 -35.19 -44.26
CA ASP B 215 -40.56 -35.90 -43.01
C ASP B 215 -39.69 -35.18 -41.95
N VAL B 216 -38.71 -34.40 -42.40
CA VAL B 216 -38.02 -33.53 -41.46
C VAL B 216 -39.05 -32.52 -41.01
N GLY B 217 -39.78 -31.95 -41.96
CA GLY B 217 -40.81 -30.98 -41.63
C GLY B 217 -41.57 -31.49 -40.42
N LYS B 218 -41.86 -32.78 -40.40
CA LYS B 218 -42.62 -33.38 -39.33
C LYS B 218 -41.79 -33.53 -38.03
N THR B 219 -40.53 -33.96 -38.11
CA THR B 219 -39.72 -34.17 -36.90
C THR B 219 -39.14 -32.89 -36.31
N THR B 220 -39.24 -31.79 -37.03
CA THR B 220 -38.59 -30.58 -36.62
C THR B 220 -39.08 -29.98 -35.29
N PRO B 221 -40.40 -29.94 -35.03
CA PRO B 221 -40.81 -29.30 -33.78
C PRO B 221 -40.45 -30.07 -32.49
N GLN B 222 -40.32 -31.39 -32.59
CA GLN B 222 -39.84 -32.18 -31.48
C GLN B 222 -38.35 -31.91 -31.31
N TYR B 223 -37.65 -31.90 -32.43
CA TYR B 223 -36.22 -31.71 -32.46
C TYR B 223 -35.95 -30.37 -31.83
N MET B 224 -36.81 -29.41 -32.11
CA MET B 224 -36.68 -28.13 -31.48
C MET B 224 -37.04 -28.21 -30.01
N GLU B 225 -38.17 -28.83 -29.65
CA GLU B 225 -38.55 -28.88 -28.22
C GLU B 225 -37.43 -29.52 -27.37
N ASN B 226 -36.87 -30.57 -27.93
CA ASN B 226 -35.88 -31.34 -27.24
C ASN B 226 -34.61 -30.56 -26.98
N MET B 227 -34.05 -29.91 -28.00
CA MET B 227 -32.92 -28.99 -27.75
C MET B 227 -33.26 -27.94 -26.72
N GLU B 228 -34.43 -27.35 -26.82
CA GLU B 228 -34.82 -26.28 -25.91
C GLU B 228 -34.68 -26.62 -24.43
N GLN B 229 -34.75 -27.90 -24.13
CA GLN B 229 -34.76 -28.42 -22.78
C GLN B 229 -33.37 -28.60 -22.19
N VAL B 230 -32.52 -29.31 -22.91
CA VAL B 230 -31.17 -29.48 -22.45
C VAL B 230 -30.60 -28.07 -22.29
N PHE B 231 -30.72 -27.28 -23.34
CA PHE B 231 -30.23 -25.92 -23.31
C PHE B 231 -30.70 -25.16 -22.08
N GLU B 232 -31.99 -25.21 -21.82
CA GLU B 232 -32.58 -24.50 -20.71
C GLU B 232 -32.05 -25.02 -19.37
N GLN B 233 -31.69 -26.30 -19.29
CA GLN B 233 -31.16 -26.83 -18.04
C GLN B 233 -29.76 -26.28 -17.88
N CYS B 234 -29.07 -26.10 -19.00
CA CYS B 234 -27.79 -25.42 -19.02
C CYS B 234 -27.84 -23.94 -18.56
N GLN B 235 -28.88 -23.20 -18.94
CA GLN B 235 -28.94 -21.83 -18.48
C GLN B 235 -29.05 -21.83 -16.98
N GLN B 236 -29.96 -22.62 -16.45
CA GLN B 236 -30.14 -22.69 -15.01
C GLN B 236 -28.85 -22.93 -14.20
N PHE B 237 -28.06 -23.91 -14.60
CA PHE B 237 -26.74 -24.14 -14.00
C PHE B 237 -25.83 -22.89 -14.08
N GLU B 238 -25.66 -22.38 -15.31
CA GLU B 238 -24.86 -21.15 -15.51
C GLU B 238 -25.41 -19.99 -14.69
N GLU B 239 -26.72 -19.89 -14.56
CA GLU B 239 -27.26 -18.79 -13.77
C GLU B 239 -26.80 -18.91 -12.33
N LYS B 240 -26.84 -20.11 -11.76
CA LYS B 240 -26.37 -20.26 -10.36
C LYS B 240 -24.95 -19.70 -10.24
N ARG B 241 -24.09 -20.10 -11.15
CA ARG B 241 -22.68 -19.72 -11.12
C ARG B 241 -22.52 -18.21 -11.23
N LEU B 242 -23.21 -17.60 -12.18
CA LEU B 242 -23.14 -16.18 -12.30
C LEU B 242 -23.70 -15.47 -11.09
N VAL B 243 -24.78 -15.96 -10.50
CA VAL B 243 -25.35 -15.31 -9.33
C VAL B 243 -24.33 -15.36 -8.19
N PHE B 244 -23.60 -16.44 -8.14
CA PHE B 244 -22.66 -16.64 -7.09
C PHE B 244 -21.46 -15.72 -7.31
N LEU B 245 -21.02 -15.64 -8.55
CA LEU B 245 -19.95 -14.75 -8.91
C LEU B 245 -20.25 -13.34 -8.45
N LYS B 246 -21.40 -12.82 -8.85
CA LYS B 246 -21.75 -11.46 -8.46
C LYS B 246 -21.68 -11.32 -6.94
N GLU B 247 -22.10 -12.32 -6.20
CA GLU B 247 -22.04 -12.18 -4.76
C GLU B 247 -20.58 -12.12 -4.32
N VAL B 248 -19.76 -12.98 -4.90
CA VAL B 248 -18.37 -13.04 -4.52
C VAL B 248 -17.63 -11.75 -4.84
N LEU B 249 -17.79 -11.23 -6.05
CA LEU B 249 -17.21 -9.92 -6.33
C LEU B 249 -17.56 -8.90 -5.24
N LEU B 250 -18.82 -8.84 -4.82
CA LEU B 250 -19.15 -7.90 -3.76
C LEU B 250 -18.41 -8.19 -2.47
N ASP B 251 -18.26 -9.46 -2.12
CA ASP B 251 -17.54 -9.77 -0.91
C ASP B 251 -16.15 -9.19 -0.99
N ILE B 252 -15.60 -9.19 -2.19
CA ILE B 252 -14.23 -8.83 -2.39
C ILE B 252 -14.12 -7.32 -2.37
N LYS B 253 -15.08 -6.64 -2.98
CA LYS B 253 -15.06 -5.22 -2.92
C LYS B 253 -14.99 -4.85 -1.45
N ARG B 254 -15.85 -5.43 -0.61
CA ARG B 254 -15.87 -5.08 0.80
C ARG B 254 -14.55 -5.36 1.51
N HIS B 255 -13.97 -6.50 1.25
CA HIS B 255 -12.69 -6.78 1.89
C HIS B 255 -11.58 -5.88 1.39
N LEU B 256 -11.77 -5.21 0.27
CA LEU B 256 -10.75 -4.31 -0.22
C LEU B 256 -10.91 -2.86 0.24
N ASN B 257 -12.11 -2.50 0.67
CA ASN B 257 -12.44 -1.13 0.81
C ASN B 257 -11.95 -0.65 2.13
N LEU B 258 -10.72 -0.24 2.23
CA LEU B 258 -10.22 0.22 3.51
C LEU B 258 -10.91 1.48 3.92
N ALA B 259 -11.10 2.31 2.93
CA ALA B 259 -11.69 3.61 3.13
C ALA B 259 -13.16 3.66 3.31
N GLU B 260 -13.65 2.93 4.28
CA GLU B 260 -15.05 2.90 4.60
C GLU B 260 -14.79 2.83 6.03
N ASN B 261 -14.18 1.73 6.37
CA ASN B 261 -13.84 1.47 7.72
C ASN B 261 -13.21 2.62 8.48
N SER B 262 -13.80 2.80 9.64
CA SER B 262 -13.51 3.76 10.65
C SER B 262 -12.08 3.69 11.10
N SER B 263 -11.54 2.50 11.22
CA SER B 263 -10.17 2.40 11.67
C SER B 263 -9.26 3.17 10.75
N TYR B 264 -9.41 3.02 9.46
CA TYR B 264 -8.54 3.78 8.55
C TYR B 264 -8.67 5.27 8.78
N ILE B 265 -9.90 5.79 8.72
CA ILE B 265 -10.13 7.21 8.95
C ILE B 265 -9.57 7.64 10.29
N HIS B 266 -9.58 6.75 11.28
CA HIS B 266 -9.09 7.08 12.60
C HIS B 266 -7.58 7.18 12.75
N VAL B 267 -6.84 6.32 12.08
CA VAL B 267 -5.40 6.38 12.24
C VAL B 267 -4.87 7.74 11.84
N TYR B 268 -5.56 8.44 10.96
CA TYR B 268 -5.07 9.75 10.57
C TYR B 268 -5.61 10.86 11.44
N ARG B 269 -6.83 10.69 11.94
CA ARG B 269 -7.33 11.57 12.97
C ARG B 269 -6.32 11.53 14.11
N GLU B 270 -5.90 10.33 14.52
CA GLU B 270 -5.00 10.16 15.65
C GLU B 270 -3.55 10.59 15.42
N LEU B 271 -3.06 10.41 14.19
CA LEU B 271 -1.70 10.81 13.89
C LEU B 271 -1.63 12.31 13.98
N GLU B 272 -2.60 12.94 13.36
CA GLU B 272 -2.62 14.37 13.28
C GLU B 272 -2.62 15.02 14.66
N GLN B 273 -3.40 14.48 15.58
CA GLN B 273 -3.51 15.15 16.87
C GLN B 273 -2.24 14.96 17.73
N ALA B 274 -1.59 13.81 17.59
CA ALA B 274 -0.25 13.56 18.13
C ALA B 274 0.77 14.57 17.64
N ILE B 275 0.77 14.89 16.36
CA ILE B 275 1.71 15.90 15.86
C ILE B 275 1.35 17.27 16.39
N ARG B 276 0.07 17.58 16.36
CA ARG B 276 -0.38 18.84 16.92
C ARG B 276 0.01 18.99 18.42
N GLY B 277 0.12 17.86 19.11
CA GLY B 277 0.57 17.80 20.49
C GLY B 277 1.97 18.32 20.75
N ALA B 278 2.88 18.05 19.80
CA ALA B 278 4.26 18.52 19.91
C ALA B 278 4.34 20.03 20.14
N ASP B 279 5.21 20.47 21.05
CA ASP B 279 5.42 21.92 21.30
C ASP B 279 6.89 22.30 21.19
N ALA B 280 7.18 23.25 20.30
CA ALA B 280 8.54 23.71 20.14
C ALA B 280 9.05 24.22 21.47
N GLN B 281 8.29 25.17 22.02
CA GLN B 281 8.64 25.88 23.25
C GLN B 281 8.83 24.96 24.43
N GLU B 282 8.00 23.92 24.51
CA GLU B 282 8.17 22.82 25.46
C GLU B 282 9.56 22.16 25.37
N ASP B 283 10.05 21.87 24.17
CA ASP B 283 11.29 21.13 24.12
C ASP B 283 12.45 22.06 24.38
N LEU B 284 12.18 23.35 24.24
CA LEU B 284 13.23 24.29 24.39
C LEU B 284 13.48 24.40 25.90
N ARG B 285 12.39 24.64 26.65
CA ARG B 285 12.41 24.66 28.11
C ARG B 285 12.99 23.38 28.70
N TRP B 286 12.73 22.24 28.07
CA TRP B 286 13.24 20.99 28.59
C TRP B 286 14.76 20.92 28.45
N PHE B 287 15.26 21.20 27.24
CA PHE B 287 16.69 21.29 27.01
C PHE B 287 17.33 22.34 27.97
N ARG B 288 16.66 23.49 28.12
CA ARG B 288 17.20 24.52 28.98
C ARG B 288 17.49 23.93 30.34
N SER B 289 16.51 23.29 30.96
CA SER B 289 16.70 22.93 32.36
C SER B 289 17.46 21.64 32.57
N THR B 290 17.52 20.80 31.55
CA THR B 290 18.25 19.54 31.67
C THR B 290 19.65 19.59 31.04
N SER B 291 19.95 20.63 30.28
CA SER B 291 21.23 20.62 29.58
C SER B 291 21.83 22.00 29.44
N GLY B 292 21.01 23.03 29.66
CA GLY B 292 21.48 24.40 29.56
C GLY B 292 21.58 25.10 30.89
N PRO B 293 21.63 26.45 30.87
CA PRO B 293 21.69 27.36 32.03
C PRO B 293 20.75 26.99 33.17
N GLY B 294 19.64 26.34 32.86
CA GLY B 294 18.70 25.85 33.87
C GLY B 294 19.17 24.76 34.81
N MET B 295 20.30 24.15 34.52
CA MET B 295 20.85 23.11 35.38
C MET B 295 21.31 23.68 36.74
N PRO B 296 21.25 22.85 37.80
CA PRO B 296 21.85 23.30 39.05
C PRO B 296 23.37 23.42 38.93
N MET B 297 23.96 24.41 39.60
CA MET B 297 25.40 24.46 39.76
C MET B 297 25.71 24.47 41.23
N ASN B 298 26.80 23.83 41.63
CA ASN B 298 27.39 24.08 42.93
C ASN B 298 28.48 25.15 42.83
N TRP B 299 28.09 26.39 43.08
CA TRP B 299 29.01 27.51 43.00
C TRP B 299 30.10 27.42 44.08
N PRO B 300 31.33 27.81 43.71
CA PRO B 300 32.51 27.66 44.55
C PRO B 300 32.29 28.29 45.89
N GLN B 301 32.74 27.62 46.95
CA GLN B 301 32.67 28.17 48.31
C GLN B 301 34.06 28.07 48.92
N PHE B 302 34.14 28.23 50.24
CA PHE B 302 35.38 28.02 50.96
C PHE B 302 35.47 26.54 51.38
N GLU B 303 36.69 26.02 51.49
CA GLU B 303 36.91 24.61 51.89
C GLU B 303 37.96 24.41 52.98
N GLU B 304 37.89 23.26 53.64
CA GLU B 304 38.88 22.86 54.65
C GLU B 304 39.26 21.37 54.53
N TRP B 305 40.26 20.95 55.33
CA TRP B 305 40.77 19.55 55.43
C TRP B 305 42.17 19.38 54.83
#